data_8B0O
#
_entry.id   8B0O
#
_cell.length_a   1.00
_cell.length_b   1.00
_cell.length_c   1.00
_cell.angle_alpha   90.00
_cell.angle_beta   90.00
_cell.angle_gamma   90.00
#
_symmetry.space_group_name_H-M   'P 1'
#
loop_
_entity.id
_entity.type
_entity.pdbx_description
1 polymer 'Apolipoprotein N-acyltransferase'
2 non-polymer '[(2~{R})-3-[(2~{R})-3-[[(2~{R})-1-[[(2~{R})-1-[[(2~{R})-6-[(2-aminophenyl)carbonylamino]-1-azanyl-1-oxidanylidene-hexan-2-yl]amino]-3-oxidanyl-1-oxidanylidene-propan-2-yl]amino]-3-oxidanyl-1-oxidanylidene-propan-2-yl]amino]-2-(hexadecanoylamino)-3-oxidanylidene-propyl]sulfanyl-2-hexadecanoyloxy-propyl] hexadecanoate'
#
_entity_poly.entity_id   1
_entity_poly.type   'polypeptide(L)'
_entity_poly.pdbx_seq_one_letter_code
;MGSSHHHHHHSSGLVPRGSHMAFASLIERQRIRLLLALLFGACGTLAFSPYDVWPAAIISLMGLQALTFNRRPLQSAAIG
FCWGFGLFGSGINWVYVSIATFGGMPGPVNIFLVVLLAAYLSLYTGLFAGVLSRLWPKTTWLRVAIAAPALWQVTEFLRG
WVLTGFPWLQFGYSQIDGPLKGLAPIMGVEAINFLLMMVSGLLALALVKRNWRPLVVAVVLFALPFPLRYIQWFTPQPEK
TIQVSMVQGDIPQSLKWDEGQLLNTLKIYYNATAPLMGKSSLIIWPESAITDLEINQQPFLKALDGELRDKGSSLVTGIV
DARLNKQNRYDTYNTIITLGKGAPYSYESADRYNKNHLVPFGEFVPLESILRPLAPFFDLPMSSFSRGPYIQPPLSANGI
ELTAAISYEIILGEQVRDNFRPDTDYLLTISNDAWFGKSIGPWQHFQMARMRALELARPLLRSTNNGITAVIGPQGEIQA
MIPQFTREVLTTNVTPTTGLTPYARTGNWPLWVLTALFGFAAVLMSLRQRRK
;
_entity_poly.pdbx_strand_id   A
#
# COMPACT_ATOMS: atom_id res chain seq x y z
N PHE A 23 -16.02 -17.31 35.31
CA PHE A 23 -15.25 -16.82 34.17
C PHE A 23 -15.94 -17.18 32.86
N ALA A 24 -16.59 -18.35 32.83
CA ALA A 24 -17.35 -18.74 31.66
C ALA A 24 -18.66 -17.97 31.55
N SER A 25 -19.20 -17.53 32.68
CA SER A 25 -20.45 -16.77 32.70
C SER A 25 -20.23 -15.28 32.44
N LEU A 26 -18.99 -14.83 32.31
CA LEU A 26 -18.71 -13.42 32.06
C LEU A 26 -18.54 -13.11 30.59
N ILE A 27 -18.13 -14.09 29.78
CA ILE A 27 -17.92 -13.85 28.36
C ILE A 27 -19.26 -13.60 27.65
N GLU A 28 -20.34 -14.20 28.14
CA GLU A 28 -21.64 -14.05 27.48
C GLU A 28 -22.17 -12.62 27.56
N ARG A 29 -21.62 -11.80 28.46
CA ARG A 29 -22.06 -10.41 28.55
C ARG A 29 -21.65 -9.66 27.29
N GLN A 30 -22.51 -8.73 26.86
CA GLN A 30 -22.24 -7.98 25.65
C GLN A 30 -21.08 -7.00 25.85
N ARG A 31 -21.08 -6.28 26.97
CA ARG A 31 -20.04 -5.27 27.17
C ARG A 31 -18.67 -5.90 27.36
N ILE A 32 -18.61 -7.15 27.85
CA ILE A 32 -17.33 -7.84 27.93
C ILE A 32 -16.83 -8.19 26.53
N ARG A 33 -17.74 -8.55 25.63
CA ARG A 33 -17.34 -8.86 24.26
C ARG A 33 -16.72 -7.65 23.58
N LEU A 34 -17.29 -6.47 23.81
CA LEU A 34 -16.78 -5.25 23.18
C LEU A 34 -15.38 -4.92 23.66
N LEU A 35 -15.12 -5.10 24.95
CA LEU A 35 -13.78 -4.81 25.49
C LEU A 35 -12.75 -5.77 24.90
N LEU A 36 -13.09 -7.05 24.79
CA LEU A 36 -12.16 -8.01 24.21
C LEU A 36 -11.98 -7.78 22.72
N ALA A 37 -12.96 -7.17 22.06
CA ALA A 37 -12.81 -6.85 20.64
C ALA A 37 -11.71 -5.82 20.43
N LEU A 38 -11.61 -4.83 21.33
CA LEU A 38 -10.52 -3.86 21.24
C LEU A 38 -9.16 -4.52 21.41
N LEU A 39 -9.05 -5.44 22.38
CA LEU A 39 -7.78 -6.10 22.63
C LEU A 39 -7.37 -7.00 21.46
N PHE A 40 -8.32 -7.78 20.93
CA PHE A 40 -8.00 -8.64 19.80
C PHE A 40 -7.80 -7.83 18.52
N GLY A 41 -8.54 -6.74 18.35
CA GLY A 41 -8.32 -5.88 17.20
C GLY A 41 -6.97 -5.22 17.22
N ALA A 42 -6.54 -4.75 18.40
CA ALA A 42 -5.22 -4.11 18.51
C ALA A 42 -4.10 -5.09 18.25
N CYS A 43 -4.30 -6.36 18.56
CA CYS A 43 -3.25 -7.36 18.33
C CYS A 43 -2.94 -7.54 16.86
N GLY A 44 -3.85 -7.15 15.96
CA GLY A 44 -3.57 -7.24 14.54
C GLY A 44 -2.47 -6.32 14.07
N THR A 45 -2.38 -5.13 14.67
CA THR A 45 -1.37 -4.17 14.27
C THR A 45 0.04 -4.63 14.60
N LEU A 46 0.19 -5.65 15.45
CA LEU A 46 1.48 -6.22 15.77
C LEU A 46 1.96 -7.23 14.76
N ALA A 47 1.40 -7.22 13.54
CA ALA A 47 1.79 -8.13 12.49
C ALA A 47 2.44 -7.44 11.31
N PHE A 48 2.48 -6.12 11.29
CA PHE A 48 2.96 -5.38 10.14
C PHE A 48 4.46 -5.07 10.30
N SER A 49 5.00 -4.22 9.44
CA SER A 49 6.44 -4.07 9.32
C SER A 49 7.14 -3.63 10.61
N PRO A 50 6.67 -2.61 11.33
CA PRO A 50 7.39 -2.22 12.56
C PRO A 50 7.45 -3.32 13.60
N TYR A 51 6.43 -4.17 13.69
CA TYR A 51 6.38 -5.29 14.62
C TYR A 51 6.22 -6.55 13.79
N ASP A 52 7.34 -7.12 13.33
CA ASP A 52 7.31 -8.27 12.42
C ASP A 52 6.97 -9.53 13.21
N VAL A 53 5.70 -9.63 13.58
CA VAL A 53 5.17 -10.80 14.29
C VAL A 53 3.95 -11.27 13.49
N TRP A 54 4.17 -12.18 12.54
CA TRP A 54 3.10 -12.64 11.67
C TRP A 54 2.02 -13.45 12.38
N PRO A 55 2.29 -14.22 13.44
CA PRO A 55 1.20 -14.92 14.12
C PRO A 55 0.25 -14.02 14.90
N ALA A 56 0.54 -12.72 15.00
CA ALA A 56 -0.34 -11.79 15.69
C ALA A 56 -1.53 -11.39 14.82
N ALA A 57 -1.55 -11.79 13.55
CA ALA A 57 -2.68 -11.55 12.68
C ALA A 57 -3.72 -12.66 12.80
N ILE A 58 -3.27 -13.91 12.96
CA ILE A 58 -4.20 -15.01 13.16
C ILE A 58 -4.96 -14.85 14.48
N ILE A 59 -4.25 -14.42 15.53
CA ILE A 59 -4.90 -14.20 16.82
C ILE A 59 -5.97 -13.13 16.72
N SER A 60 -5.67 -12.03 16.02
CA SER A 60 -6.66 -10.98 15.85
C SER A 60 -7.85 -11.46 15.03
N LEU A 61 -7.61 -12.20 13.95
CA LEU A 61 -8.71 -12.68 13.13
C LEU A 61 -9.53 -13.74 13.86
N MET A 62 -8.87 -14.68 14.54
CA MET A 62 -9.62 -15.65 15.33
C MET A 62 -10.29 -15.01 16.53
N GLY A 63 -9.79 -13.86 16.99
CA GLY A 63 -10.52 -13.09 17.99
C GLY A 63 -11.71 -12.35 17.45
N LEU A 64 -11.75 -12.13 16.13
CA LEU A 64 -12.90 -11.49 15.51
C LEU A 64 -14.04 -12.46 15.35
N GLN A 65 -13.81 -13.57 14.63
CA GLN A 65 -14.85 -14.57 14.45
C GLN A 65 -14.77 -15.66 15.52
N ALA A 66 -14.61 -15.23 16.77
CA ALA A 66 -14.95 -16.05 17.92
C ALA A 66 -15.73 -15.29 18.99
N LEU A 67 -15.65 -13.97 19.02
CA LEU A 67 -16.51 -13.19 19.90
C LEU A 67 -17.88 -12.94 19.28
N THR A 68 -17.99 -13.03 17.96
CA THR A 68 -19.27 -12.84 17.28
C THR A 68 -20.13 -14.09 17.32
N PHE A 69 -19.60 -15.21 17.80
CA PHE A 69 -20.39 -16.43 17.91
C PHE A 69 -21.54 -16.24 18.89
N ASN A 70 -22.68 -16.85 18.56
CA ASN A 70 -23.86 -16.83 19.42
C ASN A 70 -24.30 -15.40 19.73
N ARG A 71 -24.17 -14.51 18.75
CA ARG A 71 -24.61 -13.14 18.85
C ARG A 71 -25.66 -12.88 17.79
N ARG A 72 -26.79 -12.29 18.20
CA ARG A 72 -27.83 -11.96 17.26
C ARG A 72 -27.39 -10.80 16.37
N PRO A 73 -27.99 -10.66 15.19
CA PRO A 73 -27.63 -9.55 14.31
C PRO A 73 -27.92 -8.20 14.96
N LEU A 74 -27.15 -7.19 14.58
CA LEU A 74 -27.12 -5.85 15.15
C LEU A 74 -26.46 -5.82 16.51
N GLN A 75 -26.11 -6.97 17.07
CA GLN A 75 -25.32 -7.07 18.29
C GLN A 75 -23.89 -7.52 18.04
N SER A 76 -23.68 -8.38 17.05
CA SER A 76 -22.33 -8.74 16.64
C SER A 76 -21.71 -7.68 15.75
N ALA A 77 -22.51 -6.80 15.15
CA ALA A 77 -21.95 -5.70 14.38
C ALA A 77 -21.19 -4.74 15.28
N ALA A 78 -21.71 -4.50 16.49
CA ALA A 78 -20.97 -3.68 17.46
C ALA A 78 -19.67 -4.36 17.85
N ILE A 79 -19.67 -5.69 17.95
CA ILE A 79 -18.43 -6.41 18.21
C ILE A 79 -17.45 -6.23 17.06
N GLY A 80 -17.94 -6.34 15.82
CA GLY A 80 -17.07 -6.14 14.68
C GLY A 80 -16.59 -4.70 14.56
N PHE A 81 -17.46 -3.74 14.85
CA PHE A 81 -17.07 -2.34 14.82
C PHE A 81 -15.99 -2.06 15.86
N CYS A 82 -16.17 -2.57 17.09
CA CYS A 82 -15.16 -2.35 18.12
C CYS A 82 -13.87 -3.08 17.80
N TRP A 83 -13.96 -4.25 17.19
CA TRP A 83 -12.76 -4.93 16.72
C TRP A 83 -12.05 -4.12 15.66
N GLY A 84 -12.80 -3.55 14.72
CA GLY A 84 -12.20 -2.67 13.73
C GLY A 84 -11.67 -1.39 14.33
N PHE A 85 -12.39 -0.82 15.30
CA PHE A 85 -11.91 0.39 15.96
C PHE A 85 -10.64 0.14 16.74
N GLY A 86 -10.45 -1.09 17.25
CA GLY A 86 -9.20 -1.43 17.91
C GLY A 86 -8.06 -1.72 16.96
N LEU A 87 -8.36 -2.10 15.73
CA LEU A 87 -7.34 -2.38 14.73
C LEU A 87 -6.89 -1.12 14.00
N PHE A 88 -7.85 -0.32 13.52
CA PHE A 88 -7.53 0.92 12.84
C PHE A 88 -7.28 2.09 13.79
N GLY A 89 -7.63 1.94 15.07
CA GLY A 89 -7.38 2.98 16.04
C GLY A 89 -6.01 2.87 16.67
N SER A 90 -5.40 1.69 16.57
CA SER A 90 -4.05 1.46 17.07
C SER A 90 -3.04 1.19 15.97
N GLY A 91 -3.49 0.79 14.77
CA GLY A 91 -2.59 0.63 13.64
C GLY A 91 -2.50 1.91 12.83
N ILE A 92 -3.64 2.43 12.40
CA ILE A 92 -3.68 3.71 11.69
C ILE A 92 -3.88 4.78 12.76
N ASN A 93 -2.78 5.15 13.41
CA ASN A 93 -2.75 6.29 14.30
C ASN A 93 -1.58 7.21 14.01
N TRP A 94 -0.64 6.80 13.16
CA TRP A 94 0.42 7.67 12.69
C TRP A 94 -0.10 8.82 11.87
N VAL A 95 -1.35 8.75 11.41
CA VAL A 95 -1.96 9.86 10.69
C VAL A 95 -2.02 11.10 11.57
N TYR A 96 -2.09 10.92 12.89
CA TYR A 96 -2.09 12.07 13.79
C TYR A 96 -0.82 12.89 13.66
N VAL A 97 0.32 12.24 13.37
CA VAL A 97 1.58 12.96 13.27
C VAL A 97 1.52 13.97 12.12
N SER A 98 1.01 13.53 10.97
CA SER A 98 0.90 14.44 9.83
C SER A 98 -0.13 15.54 10.10
N ILE A 99 -1.25 15.18 10.72
CA ILE A 99 -2.32 16.15 10.94
C ILE A 99 -1.89 17.21 11.95
N ALA A 100 -1.28 16.77 13.06
CA ALA A 100 -0.95 17.72 14.12
C ALA A 100 0.23 18.61 13.73
N THR A 101 1.27 18.03 13.11
CA THR A 101 2.48 18.80 12.82
C THR A 101 2.25 19.82 11.72
N PHE A 102 1.55 19.44 10.65
CA PHE A 102 1.42 20.28 9.48
C PHE A 102 0.04 20.93 9.35
N GLY A 103 -1.03 20.19 9.59
CA GLY A 103 -2.36 20.76 9.55
C GLY A 103 -2.54 21.83 10.60
N GLY A 104 -3.02 23.00 10.18
CA GLY A 104 -3.19 24.11 11.10
C GLY A 104 -4.49 24.05 11.88
N MET A 105 -4.66 23.00 12.67
CA MET A 105 -5.86 22.79 13.45
C MET A 105 -5.52 22.52 14.90
N PRO A 106 -6.40 22.88 15.82
CA PRO A 106 -6.11 22.66 17.24
C PRO A 106 -6.10 21.17 17.59
N GLY A 107 -5.55 20.88 18.77
CA GLY A 107 -5.34 19.53 19.21
C GLY A 107 -6.60 18.68 19.32
N PRO A 108 -7.65 19.20 19.97
CA PRO A 108 -8.90 18.43 20.05
C PRO A 108 -9.47 18.07 18.68
N VAL A 109 -9.35 18.96 17.70
CA VAL A 109 -9.81 18.64 16.34
C VAL A 109 -8.91 17.58 15.72
N ASN A 110 -7.60 17.66 15.96
CA ASN A 110 -6.68 16.67 15.40
C ASN A 110 -6.98 15.28 15.93
N ILE A 111 -7.24 15.16 17.23
CA ILE A 111 -7.63 13.88 17.81
C ILE A 111 -8.97 13.43 17.24
N PHE A 112 -9.89 14.38 17.02
CA PHE A 112 -11.21 14.05 16.52
C PHE A 112 -11.13 13.42 15.13
N LEU A 113 -10.27 13.96 14.26
CA LEU A 113 -10.16 13.42 12.91
C LEU A 113 -9.58 12.02 12.91
N VAL A 114 -8.59 11.75 13.77
CA VAL A 114 -8.00 10.41 13.82
C VAL A 114 -9.02 9.40 14.31
N VAL A 115 -9.80 9.75 15.33
CA VAL A 115 -10.86 8.86 15.81
C VAL A 115 -11.90 8.64 14.72
N LEU A 116 -12.28 9.70 14.02
CA LEU A 116 -13.27 9.58 12.96
C LEU A 116 -12.78 8.68 11.84
N LEU A 117 -11.49 8.80 11.47
CA LEU A 117 -10.94 7.91 10.46
C LEU A 117 -10.94 6.47 10.93
N ALA A 118 -10.59 6.22 12.19
CA ALA A 118 -10.64 4.88 12.73
C ALA A 118 -12.09 4.37 12.78
N ALA A 119 -13.02 5.23 13.18
CA ALA A 119 -14.42 4.83 13.24
C ALA A 119 -14.98 4.53 11.86
N TYR A 120 -14.62 5.36 10.87
CA TYR A 120 -15.13 5.15 9.51
C TYR A 120 -14.66 3.83 8.94
N LEU A 121 -13.37 3.52 9.09
CA LEU A 121 -12.85 2.26 8.60
C LEU A 121 -13.39 1.07 9.38
N SER A 122 -13.95 1.30 10.57
CA SER A 122 -14.51 0.24 11.37
C SER A 122 -15.91 -0.16 10.93
N LEU A 123 -16.57 0.65 10.11
CA LEU A 123 -17.90 0.30 9.62
C LEU A 123 -17.84 -0.96 8.77
N TYR A 124 -16.83 -1.07 7.91
CA TYR A 124 -16.71 -2.23 7.03
C TYR A 124 -16.46 -3.51 7.83
N THR A 125 -15.65 -3.42 8.89
CA THR A 125 -15.55 -4.54 9.81
C THR A 125 -16.87 -4.76 10.55
N GLY A 126 -17.53 -3.68 10.94
CA GLY A 126 -18.84 -3.81 11.57
C GLY A 126 -19.90 -4.33 10.61
N LEU A 127 -19.82 -3.90 9.35
CA LEU A 127 -20.74 -4.43 8.34
C LEU A 127 -20.50 -5.92 8.10
N PHE A 128 -19.24 -6.34 8.12
CA PHE A 128 -18.93 -7.75 7.92
C PHE A 128 -19.51 -8.62 9.02
N ALA A 129 -19.41 -8.16 10.27
CA ALA A 129 -19.91 -8.95 11.39
C ALA A 129 -21.43 -8.95 11.43
N GLY A 130 -22.06 -7.82 11.12
CA GLY A 130 -23.50 -7.73 11.18
C GLY A 130 -24.20 -8.54 10.10
N VAL A 131 -23.53 -8.78 8.98
CA VAL A 131 -24.10 -9.58 7.92
C VAL A 131 -23.75 -11.06 8.08
N LEU A 132 -22.56 -11.36 8.61
CA LEU A 132 -22.18 -12.76 8.82
C LEU A 132 -23.07 -13.43 9.84
N SER A 133 -23.42 -12.73 10.92
CA SER A 133 -24.26 -13.29 11.97
C SER A 133 -25.75 -13.12 11.69
N ARG A 134 -26.11 -12.50 10.56
CA ARG A 134 -27.51 -12.41 10.17
C ARG A 134 -27.90 -13.53 9.21
N LEU A 135 -27.15 -13.68 8.11
CA LEU A 135 -27.45 -14.75 7.17
C LEU A 135 -26.99 -16.11 7.69
N TRP A 136 -25.94 -16.14 8.50
CA TRP A 136 -25.37 -17.38 9.03
C TRP A 136 -25.25 -17.25 10.53
N PRO A 137 -26.36 -17.38 11.27
CA PRO A 137 -26.28 -17.19 12.72
C PRO A 137 -25.61 -18.34 13.45
N LYS A 138 -25.90 -19.58 13.08
CA LYS A 138 -25.35 -20.73 13.77
C LYS A 138 -23.85 -20.83 13.51
N THR A 139 -23.10 -21.22 14.54
CA THR A 139 -21.65 -21.33 14.47
C THR A 139 -21.31 -22.71 13.93
N THR A 140 -21.12 -22.79 12.62
CA THR A 140 -20.75 -24.03 11.94
C THR A 140 -19.60 -23.75 10.99
N TRP A 141 -19.07 -24.81 10.38
CA TRP A 141 -17.97 -24.65 9.44
C TRP A 141 -18.37 -23.87 8.21
N LEU A 142 -19.65 -23.82 7.88
CA LEU A 142 -20.11 -22.99 6.77
C LEU A 142 -19.89 -21.52 7.07
N ARG A 143 -20.12 -21.10 8.31
CA ARG A 143 -19.99 -19.70 8.66
C ARG A 143 -18.55 -19.23 8.61
N VAL A 144 -17.62 -20.03 9.13
CA VAL A 144 -16.24 -19.58 9.30
C VAL A 144 -15.37 -19.92 8.09
N ALA A 145 -15.45 -21.16 7.60
CA ALA A 145 -14.59 -21.57 6.50
C ALA A 145 -15.07 -21.05 5.16
N ILE A 146 -16.38 -20.94 4.96
CA ILE A 146 -16.95 -20.60 3.66
C ILE A 146 -17.54 -19.19 3.66
N ALA A 147 -18.51 -18.94 4.54
CA ALA A 147 -19.21 -17.65 4.51
C ALA A 147 -18.29 -16.50 4.90
N ALA A 148 -17.48 -16.68 5.94
CA ALA A 148 -16.65 -15.57 6.42
C ALA A 148 -15.63 -15.09 5.40
N PRO A 149 -14.80 -15.93 4.78
CA PRO A 149 -13.82 -15.40 3.82
C PRO A 149 -14.46 -14.71 2.62
N ALA A 150 -15.57 -15.24 2.12
CA ALA A 150 -16.23 -14.62 0.98
C ALA A 150 -16.82 -13.27 1.36
N LEU A 151 -17.47 -13.18 2.52
CA LEU A 151 -18.02 -11.89 2.96
C LEU A 151 -16.91 -10.93 3.37
N TRP A 152 -15.82 -11.46 3.95
CA TRP A 152 -14.70 -10.60 4.32
C TRP A 152 -14.07 -9.97 3.09
N GLN A 153 -13.90 -10.75 2.01
CA GLN A 153 -13.31 -10.21 0.79
C GLN A 153 -14.18 -9.12 0.19
N VAL A 154 -15.50 -9.30 0.25
CA VAL A 154 -16.41 -8.28 -0.28
C VAL A 154 -16.31 -7.00 0.53
N THR A 155 -16.35 -7.11 1.87
CA THR A 155 -16.30 -5.92 2.70
C THR A 155 -14.95 -5.22 2.60
N GLU A 156 -13.86 -5.98 2.45
CA GLU A 156 -12.56 -5.37 2.23
C GLU A 156 -12.52 -4.61 0.91
N PHE A 157 -13.16 -5.15 -0.12
CA PHE A 157 -13.25 -4.43 -1.39
C PHE A 157 -14.02 -3.13 -1.22
N LEU A 158 -15.13 -3.16 -0.48
CA LEU A 158 -15.92 -1.95 -0.29
C LEU A 158 -15.12 -0.88 0.45
N ARG A 159 -14.33 -1.29 1.45
CA ARG A 159 -13.46 -0.34 2.13
C ARG A 159 -12.42 0.23 1.19
N GLY A 160 -11.97 -0.56 0.22
CA GLY A 160 -11.01 -0.13 -0.77
C GLY A 160 -11.62 0.44 -2.04
N TRP A 161 -12.91 0.67 -2.08
CA TRP A 161 -13.55 1.22 -3.26
C TRP A 161 -14.38 2.46 -2.98
N VAL A 162 -15.04 2.53 -1.83
CA VAL A 162 -15.92 3.66 -1.53
C VAL A 162 -15.08 4.89 -1.27
N LEU A 163 -15.42 5.99 -1.96
CA LEU A 163 -14.70 7.26 -1.85
C LEU A 163 -13.21 7.08 -2.16
N THR A 164 -12.95 6.37 -3.25
CA THR A 164 -11.62 6.00 -3.76
C THR A 164 -10.92 4.99 -2.86
N GLY A 165 -11.50 4.63 -1.71
CA GLY A 165 -11.02 3.53 -0.91
C GLY A 165 -9.85 3.90 -0.02
N PHE A 166 -9.51 2.95 0.85
CA PHE A 166 -8.36 3.05 1.74
C PHE A 166 -7.95 1.63 2.15
N PRO A 167 -7.34 0.86 1.24
CA PRO A 167 -6.99 -0.54 1.56
C PRO A 167 -5.75 -0.65 2.42
N TRP A 168 -5.86 -0.17 3.65
CA TRP A 168 -4.75 -0.17 4.60
C TRP A 168 -5.04 -1.17 5.71
N LEU A 169 -3.96 -1.73 6.28
CA LEU A 169 -4.04 -2.72 7.34
C LEU A 169 -4.85 -3.94 6.90
N GLN A 170 -4.36 -4.58 5.85
CA GLN A 170 -4.91 -5.85 5.38
C GLN A 170 -4.00 -6.97 5.81
N PHE A 171 -4.58 -8.04 6.37
CA PHE A 171 -3.78 -9.12 6.91
C PHE A 171 -3.29 -10.05 5.80
N GLY A 172 -2.74 -9.48 4.74
CA GLY A 172 -2.10 -10.26 3.70
C GLY A 172 -0.70 -9.75 3.47
N TYR A 173 -0.45 -8.51 3.90
CA TYR A 173 0.88 -7.93 3.83
C TYR A 173 1.76 -8.39 4.98
N SER A 174 1.17 -8.89 6.07
CA SER A 174 1.95 -9.41 7.17
C SER A 174 2.68 -10.69 6.79
N GLN A 175 2.20 -11.40 5.78
CA GLN A 175 2.83 -12.64 5.32
C GLN A 175 3.83 -12.41 4.20
N ILE A 176 4.43 -11.22 4.12
CA ILE A 176 5.45 -10.97 3.11
C ILE A 176 6.67 -11.86 3.35
N ASP A 177 7.05 -12.03 4.61
CA ASP A 177 8.05 -13.01 5.03
C ASP A 177 7.35 -13.94 6.02
N GLY A 178 6.69 -14.97 5.48
CA GLY A 178 5.93 -15.89 6.29
C GLY A 178 5.59 -17.16 5.53
N PRO A 179 4.86 -18.06 6.19
CA PRO A 179 4.51 -19.33 5.54
C PRO A 179 3.64 -19.16 4.30
N LEU A 180 2.84 -18.10 4.23
CA LEU A 180 1.88 -17.91 3.16
C LEU A 180 2.37 -16.98 2.05
N LYS A 181 3.66 -16.63 2.05
CA LYS A 181 4.16 -15.74 1.01
C LYS A 181 4.10 -16.36 -0.37
N GLY A 182 4.10 -17.69 -0.46
CA GLY A 182 4.04 -18.33 -1.76
C GLY A 182 2.72 -18.16 -2.47
N LEU A 183 1.66 -17.82 -1.74
CA LEU A 183 0.35 -17.60 -2.34
C LEU A 183 0.25 -16.27 -3.05
N ALA A 184 1.12 -15.31 -2.72
CA ALA A 184 1.06 -14.00 -3.36
C ALA A 184 1.27 -14.05 -4.86
N PRO A 185 2.27 -14.74 -5.41
CA PRO A 185 2.39 -14.82 -6.87
C PRO A 185 1.23 -15.55 -7.53
N ILE A 186 0.47 -16.36 -6.77
CA ILE A 186 -0.58 -17.17 -7.39
C ILE A 186 -1.84 -16.33 -7.62
N MET A 187 -2.33 -15.66 -6.57
CA MET A 187 -3.56 -14.89 -6.70
C MET A 187 -3.49 -13.50 -6.07
N GLY A 188 -2.33 -13.06 -5.59
CA GLY A 188 -2.18 -11.72 -5.04
C GLY A 188 -2.27 -11.70 -3.54
N VAL A 189 -2.20 -10.47 -3.00
CA VAL A 189 -2.27 -10.28 -1.56
C VAL A 189 -3.65 -10.65 -1.03
N GLU A 190 -4.69 -10.38 -1.82
CA GLU A 190 -6.06 -10.63 -1.35
C GLU A 190 -6.32 -12.12 -1.15
N ALA A 191 -5.58 -12.99 -1.83
CA ALA A 191 -5.70 -14.42 -1.55
C ALA A 191 -5.23 -14.75 -0.15
N ILE A 192 -4.15 -14.10 0.30
CA ILE A 192 -3.66 -14.30 1.66
C ILE A 192 -4.69 -13.79 2.66
N ASN A 193 -5.30 -12.64 2.38
CA ASN A 193 -6.39 -12.15 3.23
C ASN A 193 -7.54 -13.13 3.23
N PHE A 194 -7.89 -13.68 2.06
CA PHE A 194 -8.96 -14.66 1.97
C PHE A 194 -8.60 -15.94 2.71
N LEU A 195 -7.35 -16.39 2.59
CA LEU A 195 -6.95 -17.65 3.21
C LEU A 195 -6.79 -17.51 4.71
N LEU A 196 -6.21 -16.39 5.17
CA LEU A 196 -6.02 -16.21 6.61
C LEU A 196 -7.35 -16.16 7.33
N MET A 197 -8.35 -15.51 6.75
CA MET A 197 -9.67 -15.49 7.37
C MET A 197 -10.26 -16.89 7.45
N MET A 198 -10.06 -17.71 6.42
CA MET A 198 -10.53 -19.08 6.45
C MET A 198 -9.76 -19.91 7.48
N VAL A 199 -8.44 -19.78 7.49
CA VAL A 199 -7.62 -20.56 8.42
C VAL A 199 -7.87 -20.11 9.85
N SER A 200 -7.94 -18.80 10.08
CA SER A 200 -8.16 -18.30 11.43
C SER A 200 -9.55 -18.66 11.96
N GLY A 201 -10.55 -18.68 11.08
CA GLY A 201 -11.89 -19.04 11.52
C GLY A 201 -11.99 -20.47 12.01
N LEU A 202 -11.34 -21.40 11.30
CA LEU A 202 -11.35 -22.79 11.72
C LEU A 202 -10.65 -22.98 13.07
N LEU A 203 -9.59 -22.20 13.31
CA LEU A 203 -8.96 -22.22 14.63
C LEU A 203 -9.91 -21.72 15.70
N ALA A 204 -10.65 -20.65 15.40
CA ALA A 204 -11.64 -20.15 16.35
C ALA A 204 -12.77 -21.16 16.56
N LEU A 205 -13.19 -21.83 15.48
CA LEU A 205 -14.22 -22.85 15.61
C LEU A 205 -13.75 -24.01 16.46
N ALA A 206 -12.49 -24.42 16.31
CA ALA A 206 -11.96 -25.51 17.12
C ALA A 206 -11.92 -25.13 18.59
N LEU A 207 -11.52 -23.90 18.90
CA LEU A 207 -11.43 -23.47 20.28
C LEU A 207 -12.80 -23.40 20.94
N VAL A 208 -13.76 -22.76 20.28
CA VAL A 208 -15.08 -22.56 20.89
C VAL A 208 -15.82 -23.88 21.01
N LYS A 209 -15.84 -24.67 19.94
CA LYS A 209 -16.59 -25.92 19.93
C LYS A 209 -15.85 -27.07 20.58
N ARG A 210 -14.58 -26.88 20.96
CA ARG A 210 -13.75 -27.94 21.54
C ARG A 210 -13.76 -29.18 20.65
N ASN A 211 -13.33 -28.98 19.40
CA ASN A 211 -13.31 -30.03 18.40
C ASN A 211 -11.99 -30.00 17.67
N TRP A 212 -11.35 -31.16 17.55
CA TRP A 212 -10.05 -31.22 16.88
C TRP A 212 -10.16 -31.21 15.36
N ARG A 213 -11.34 -31.48 14.82
CA ARG A 213 -11.51 -31.45 13.37
C ARG A 213 -11.29 -30.06 12.76
N PRO A 214 -11.87 -28.98 13.30
CA PRO A 214 -11.61 -27.66 12.70
C PRO A 214 -10.15 -27.26 12.72
N LEU A 215 -9.40 -27.60 13.79
CA LEU A 215 -7.99 -27.22 13.84
C LEU A 215 -7.14 -28.12 12.97
N VAL A 216 -7.50 -29.40 12.84
CA VAL A 216 -6.75 -30.29 11.95
C VAL A 216 -6.86 -29.81 10.51
N VAL A 217 -8.07 -29.43 10.09
CA VAL A 217 -8.25 -28.90 8.74
C VAL A 217 -7.49 -27.60 8.57
N ALA A 218 -7.53 -26.73 9.58
CA ALA A 218 -6.83 -25.46 9.49
C ALA A 218 -5.32 -25.66 9.41
N VAL A 219 -4.78 -26.61 10.16
CA VAL A 219 -3.34 -26.88 10.11
C VAL A 219 -2.94 -27.36 8.71
N VAL A 220 -3.71 -28.29 8.16
CA VAL A 220 -3.43 -28.78 6.82
C VAL A 220 -3.62 -27.67 5.79
N LEU A 221 -4.68 -26.89 5.93
CA LEU A 221 -4.95 -25.82 4.97
C LEU A 221 -3.86 -24.75 5.01
N PHE A 222 -3.36 -24.43 6.20
CA PHE A 222 -2.31 -23.43 6.33
C PHE A 222 -0.97 -23.94 5.80
N ALA A 223 -0.74 -25.25 5.88
CA ALA A 223 0.54 -25.83 5.45
C ALA A 223 0.60 -26.07 3.95
N LEU A 224 -0.53 -26.03 3.25
CA LEU A 224 -0.51 -26.21 1.79
C LEU A 224 0.26 -25.12 1.06
N PRO A 225 0.10 -23.83 1.36
CA PRO A 225 0.83 -22.81 0.61
C PRO A 225 2.30 -22.67 0.99
N PHE A 226 2.79 -23.44 1.96
CA PHE A 226 4.20 -23.33 2.33
C PHE A 226 5.14 -23.72 1.20
N PRO A 227 4.95 -24.84 0.49
CA PRO A 227 5.84 -25.13 -0.64
C PRO A 227 5.76 -24.12 -1.77
N LEU A 228 4.70 -23.31 -1.82
CA LEU A 228 4.53 -22.35 -2.90
C LEU A 228 5.54 -21.21 -2.86
N ARG A 229 6.31 -21.07 -1.78
CA ARG A 229 7.33 -20.03 -1.70
C ARG A 229 8.66 -20.47 -2.28
N TYR A 230 8.77 -21.70 -2.76
CA TYR A 230 10.02 -22.22 -3.32
C TYR A 230 9.97 -22.34 -4.83
N ILE A 231 8.95 -21.78 -5.48
CA ILE A 231 8.85 -21.78 -6.94
C ILE A 231 9.14 -20.37 -7.43
N GLN A 232 10.09 -20.26 -8.37
CA GLN A 232 10.52 -18.98 -8.91
C GLN A 232 9.88 -18.80 -10.28
N TRP A 233 8.87 -17.94 -10.35
CA TRP A 233 8.24 -17.62 -11.62
C TRP A 233 9.13 -16.76 -12.51
N PHE A 234 10.06 -16.02 -11.92
CA PHE A 234 10.92 -15.11 -12.64
C PHE A 234 12.18 -15.82 -13.11
N THR A 235 13.10 -15.07 -13.69
CA THR A 235 14.41 -15.57 -14.09
C THR A 235 15.41 -14.42 -14.04
N PRO A 236 16.33 -14.42 -13.08
CA PRO A 236 17.30 -13.32 -12.99
C PRO A 236 18.16 -13.25 -14.25
N GLN A 237 18.45 -12.01 -14.67
CA GLN A 237 19.26 -11.78 -15.85
C GLN A 237 20.61 -11.23 -15.44
N PRO A 238 21.68 -12.02 -15.46
CA PRO A 238 22.97 -11.55 -14.95
C PRO A 238 23.59 -10.44 -15.78
N GLU A 239 23.68 -10.62 -17.09
CA GLU A 239 24.33 -9.61 -17.94
C GLU A 239 23.34 -8.56 -18.43
N LYS A 240 22.54 -8.04 -17.50
CA LYS A 240 21.72 -6.87 -17.75
C LYS A 240 21.65 -5.97 -16.52
N THR A 241 22.40 -6.28 -15.47
CA THR A 241 22.29 -5.55 -14.21
C THR A 241 22.85 -4.14 -14.35
N ILE A 242 22.30 -3.22 -13.55
CA ILE A 242 22.74 -1.84 -13.53
C ILE A 242 23.17 -1.50 -12.10
N GLN A 243 23.55 -0.25 -11.87
CA GLN A 243 23.93 0.24 -10.55
C GLN A 243 23.01 1.41 -10.21
N VAL A 244 21.91 1.12 -9.50
CA VAL A 244 21.00 2.18 -9.10
C VAL A 244 21.65 3.02 -8.00
N SER A 245 21.29 4.29 -7.96
CA SER A 245 21.87 5.24 -7.02
C SER A 245 20.78 6.11 -6.40
N MET A 246 19.73 5.48 -5.88
CA MET A 246 18.63 6.22 -5.27
C MET A 246 19.14 7.14 -4.17
N VAL A 247 18.68 8.39 -4.21
CA VAL A 247 19.17 9.44 -3.31
C VAL A 247 18.06 9.76 -2.31
N GLN A 248 18.43 9.79 -1.03
CA GLN A 248 17.51 10.17 0.04
C GLN A 248 17.80 11.61 0.42
N GLY A 249 16.83 12.50 0.19
CA GLY A 249 17.08 13.92 0.34
C GLY A 249 17.29 14.35 1.78
N ASP A 250 16.50 13.81 2.71
CA ASP A 250 16.45 14.30 4.08
C ASP A 250 16.13 15.80 4.09
N ILE A 251 15.18 16.20 3.27
CA ILE A 251 14.75 17.59 3.16
C ILE A 251 13.64 17.83 4.17
N PRO A 252 13.74 18.86 5.02
CA PRO A 252 12.65 19.18 5.94
C PRO A 252 11.38 19.53 5.17
N GLN A 253 10.24 19.10 5.72
CA GLN A 253 8.97 19.19 5.03
C GLN A 253 8.29 20.53 5.31
N SER A 254 7.51 21.00 4.33
CA SER A 254 6.71 22.20 4.48
C SER A 254 5.50 22.10 3.55
N LEU A 255 4.45 22.85 3.89
CA LEU A 255 3.25 22.84 3.07
C LEU A 255 3.46 23.59 1.75
N LYS A 256 4.08 24.76 1.81
CA LYS A 256 4.33 25.57 0.62
C LYS A 256 5.70 25.32 0.00
N TRP A 257 6.48 24.40 0.56
CA TRP A 257 7.80 24.01 0.07
C TRP A 257 8.81 25.15 0.12
N ASP A 258 8.43 26.30 0.68
CA ASP A 258 9.31 27.46 0.85
C ASP A 258 9.81 28.01 -0.47
N GLU A 259 10.55 29.12 -0.41
CA GLU A 259 11.14 29.75 -1.59
C GLU A 259 12.65 29.66 -1.61
N GLY A 260 13.31 30.07 -0.52
CA GLY A 260 14.76 29.92 -0.45
C GLY A 260 15.20 28.48 -0.44
N GLN A 261 14.43 27.59 0.18
CA GLN A 261 14.77 26.18 0.24
C GLN A 261 14.63 25.48 -1.11
N LEU A 262 14.01 26.13 -2.10
CA LEU A 262 13.93 25.53 -3.43
C LEU A 262 15.31 25.37 -4.05
N LEU A 263 16.17 26.37 -3.91
CA LEU A 263 17.51 26.26 -4.48
C LEU A 263 18.39 25.32 -3.68
N ASN A 264 18.20 25.26 -2.36
CA ASN A 264 19.02 24.39 -1.53
C ASN A 264 18.78 22.92 -1.85
N THR A 265 17.51 22.52 -1.99
CA THR A 265 17.23 21.12 -2.28
C THR A 265 17.71 20.72 -3.66
N LEU A 266 17.65 21.63 -4.64
CA LEU A 266 18.23 21.34 -5.95
C LEU A 266 19.73 21.19 -5.85
N LYS A 267 20.39 22.02 -5.04
CA LYS A 267 21.84 21.91 -4.87
C LYS A 267 22.20 20.65 -4.10
N ILE A 268 21.37 20.26 -3.14
CA ILE A 268 21.65 19.05 -2.35
C ILE A 268 21.59 17.82 -3.24
N TYR A 269 20.54 17.68 -4.04
CA TYR A 269 20.42 16.53 -4.92
C TYR A 269 21.49 16.54 -6.00
N TYR A 270 21.76 17.71 -6.59
CA TYR A 270 22.73 17.79 -7.67
C TYR A 270 24.14 17.47 -7.18
N ASN A 271 24.52 17.99 -6.01
CA ASN A 271 25.85 17.72 -5.48
C ASN A 271 25.99 16.26 -5.06
N ALA A 272 24.90 15.63 -4.64
CA ALA A 272 24.91 14.22 -4.26
C ALA A 272 24.72 13.30 -5.46
N THR A 273 24.48 13.85 -6.64
CA THR A 273 24.27 13.07 -7.86
C THR A 273 25.45 13.14 -8.83
N ALA A 274 26.11 14.29 -8.91
CA ALA A 274 27.21 14.44 -9.86
C ALA A 274 28.32 13.41 -9.68
N PRO A 275 28.79 13.08 -8.48
CA PRO A 275 29.75 11.98 -8.35
C PRO A 275 29.20 10.65 -8.80
N LEU A 276 27.89 10.42 -8.67
CA LEU A 276 27.28 9.15 -9.04
C LEU A 276 27.15 8.97 -10.54
N MET A 277 27.22 10.06 -11.32
CA MET A 277 27.07 9.95 -12.76
C MET A 277 28.21 9.16 -13.38
N GLY A 278 27.91 8.43 -14.44
CA GLY A 278 28.90 7.60 -15.09
C GLY A 278 29.04 6.24 -14.45
N LYS A 279 29.36 6.22 -13.16
CA LYS A 279 29.47 4.96 -12.43
C LYS A 279 28.12 4.27 -12.34
N SER A 280 27.06 5.03 -12.09
CA SER A 280 25.71 4.50 -11.93
C SER A 280 24.92 4.68 -13.21
N SER A 281 24.26 3.60 -13.66
CA SER A 281 23.46 3.69 -14.87
C SER A 281 22.17 4.44 -14.63
N LEU A 282 21.51 4.21 -13.50
CA LEU A 282 20.23 4.81 -13.18
C LEU A 282 20.33 5.54 -11.85
N ILE A 283 19.82 6.76 -11.81
CA ILE A 283 19.79 7.58 -10.60
C ILE A 283 18.34 7.95 -10.33
N ILE A 284 17.89 7.77 -9.09
CA ILE A 284 16.48 7.90 -8.73
C ILE A 284 16.36 8.91 -7.60
N TRP A 285 15.40 9.82 -7.72
CA TRP A 285 15.13 10.85 -6.74
C TRP A 285 13.73 10.68 -6.15
N PRO A 286 13.51 11.13 -4.91
CA PRO A 286 12.21 10.89 -4.26
C PRO A 286 11.06 11.68 -4.87
N GLU A 287 9.87 11.54 -4.29
CA GLU A 287 8.70 12.24 -4.79
C GLU A 287 8.81 13.73 -4.52
N SER A 288 8.43 14.53 -5.53
CA SER A 288 8.56 15.98 -5.46
C SER A 288 9.98 16.38 -5.09
N ALA A 289 10.96 15.70 -5.69
CA ALA A 289 12.35 16.05 -5.46
C ALA A 289 12.64 17.48 -5.90
N ILE A 290 12.09 17.88 -7.04
CA ILE A 290 12.15 19.26 -7.49
C ILE A 290 10.85 19.92 -7.03
N THR A 291 10.93 20.71 -5.96
CA THR A 291 9.75 21.32 -5.36
C THR A 291 9.34 22.58 -6.12
N ASP A 292 9.05 22.40 -7.40
CA ASP A 292 8.67 23.51 -8.27
C ASP A 292 7.93 22.93 -9.47
N LEU A 293 7.22 23.81 -10.18
CA LEU A 293 6.57 23.41 -11.41
C LEU A 293 7.60 23.06 -12.47
N GLU A 294 7.29 22.06 -13.30
CA GLU A 294 8.25 21.57 -14.28
C GLU A 294 8.59 22.65 -15.29
N ILE A 295 7.60 23.41 -15.74
CA ILE A 295 7.86 24.46 -16.73
C ILE A 295 8.76 25.54 -16.15
N ASN A 296 8.73 25.73 -14.83
CA ASN A 296 9.49 26.82 -14.23
C ASN A 296 11.00 26.57 -14.29
N GLN A 297 11.44 25.31 -14.27
CA GLN A 297 12.86 24.99 -14.34
C GLN A 297 13.10 24.15 -15.60
N GLN A 298 13.17 24.83 -16.74
CA GLN A 298 13.61 24.20 -17.98
C GLN A 298 15.13 24.19 -18.12
N PRO A 299 15.84 25.31 -17.92
CA PRO A 299 17.31 25.26 -18.06
C PRO A 299 17.98 24.32 -17.08
N PHE A 300 17.45 24.18 -15.87
CA PHE A 300 18.02 23.23 -14.93
C PHE A 300 17.89 21.81 -15.43
N LEU A 301 16.73 21.46 -15.98
CA LEU A 301 16.52 20.09 -16.46
C LEU A 301 17.26 19.84 -17.76
N LYS A 302 17.23 20.80 -18.69
CA LYS A 302 17.90 20.61 -19.97
C LYS A 302 19.41 20.48 -19.80
N ALA A 303 20.00 21.34 -18.95
CA ALA A 303 21.44 21.25 -18.71
C ALA A 303 21.80 19.97 -17.96
N LEU A 304 20.97 19.59 -16.97
CA LEU A 304 21.23 18.36 -16.23
C LEU A 304 21.13 17.14 -17.13
N ASP A 305 20.16 17.14 -18.04
CA ASP A 305 20.05 16.05 -19.00
C ASP A 305 21.28 15.96 -19.89
N GLY A 306 21.82 17.11 -20.28
CA GLY A 306 23.04 17.11 -21.08
C GLY A 306 24.23 16.55 -20.30
N GLU A 307 24.35 16.91 -19.02
CA GLU A 307 25.44 16.38 -18.21
C GLU A 307 25.32 14.88 -18.03
N LEU A 308 24.11 14.39 -17.78
CA LEU A 308 23.91 12.94 -17.63
C LEU A 308 24.18 12.20 -18.93
N ARG A 309 23.74 12.77 -20.05
CA ARG A 309 23.92 12.10 -21.34
C ARG A 309 25.39 11.98 -21.71
N ASP A 310 26.18 13.01 -21.42
CA ASP A 310 27.60 12.99 -21.77
C ASP A 310 28.39 11.97 -20.97
N LYS A 311 27.87 11.52 -19.84
CA LYS A 311 28.59 10.57 -19.00
C LYS A 311 28.04 9.16 -19.09
N GLY A 312 26.73 8.99 -19.28
CA GLY A 312 26.16 7.67 -19.43
C GLY A 312 25.24 7.25 -18.31
N SER A 313 24.54 8.23 -17.72
CA SER A 313 23.61 7.96 -16.63
C SER A 313 22.25 8.57 -16.98
N SER A 314 21.20 7.95 -16.46
CA SER A 314 19.83 8.41 -16.65
C SER A 314 19.22 8.69 -15.29
N LEU A 315 18.57 9.85 -15.17
CA LEU A 315 17.98 10.28 -13.91
C LEU A 315 16.47 10.18 -13.98
N VAL A 316 15.88 9.66 -12.92
CA VAL A 316 14.43 9.57 -12.78
C VAL A 316 14.05 10.30 -11.50
N THR A 317 13.31 11.40 -11.63
CA THR A 317 12.96 12.25 -10.50
C THR A 317 11.47 12.57 -10.52
N GLY A 318 10.91 12.75 -9.33
CA GLY A 318 9.52 13.12 -9.19
C GLY A 318 9.37 14.63 -9.14
N ILE A 319 8.52 15.16 -10.01
CA ILE A 319 8.28 16.60 -10.11
C ILE A 319 6.78 16.83 -10.25
N VAL A 320 6.38 18.07 -10.01
CA VAL A 320 4.99 18.50 -10.15
C VAL A 320 4.89 19.36 -11.40
N ASP A 321 4.02 18.95 -12.33
CA ASP A 321 3.85 19.65 -13.59
C ASP A 321 2.40 20.09 -13.76
N ALA A 322 2.22 21.31 -14.23
CA ALA A 322 0.90 21.88 -14.47
C ALA A 322 0.74 22.04 -15.99
N ARG A 323 0.27 20.98 -16.64
CA ARG A 323 0.05 21.03 -18.07
C ARG A 323 -1.13 21.94 -18.40
N LEU A 324 -1.12 22.48 -19.62
CA LEU A 324 -2.20 23.30 -20.12
C LEU A 324 -3.10 22.45 -21.00
N ASN A 325 -4.35 22.29 -20.58
CA ASN A 325 -5.29 21.43 -21.31
C ASN A 325 -5.83 22.15 -22.53
N LYS A 326 -6.51 21.38 -23.39
CA LYS A 326 -7.10 21.95 -24.59
C LYS A 326 -8.21 22.94 -24.28
N GLN A 327 -8.72 22.95 -23.05
CA GLN A 327 -9.75 23.89 -22.61
C GLN A 327 -9.16 25.09 -21.88
N ASN A 328 -7.84 25.31 -21.99
CA ASN A 328 -7.17 26.44 -21.36
C ASN A 328 -7.35 26.43 -19.84
N ARG A 329 -7.30 25.24 -19.25
CA ARG A 329 -7.31 25.07 -17.80
C ARG A 329 -6.12 24.21 -17.41
N TYR A 330 -5.35 24.67 -16.43
CA TYR A 330 -4.17 23.95 -15.99
C TYR A 330 -4.56 22.70 -15.20
N ASP A 331 -3.82 21.62 -15.42
CA ASP A 331 -4.00 20.37 -14.68
C ASP A 331 -2.69 20.08 -13.95
N THR A 332 -2.69 20.22 -12.63
CA THR A 332 -1.50 20.04 -11.83
C THR A 332 -1.30 18.55 -11.55
N TYR A 333 -0.52 17.90 -12.40
CA TYR A 333 -0.22 16.49 -12.23
C TYR A 333 0.95 16.30 -11.27
N ASN A 334 1.12 15.08 -10.82
CA ASN A 334 2.27 14.66 -10.03
C ASN A 334 3.10 13.75 -10.93
N THR A 335 4.11 14.32 -11.57
CA THR A 335 4.82 13.69 -12.67
C THR A 335 6.09 13.01 -12.20
N ILE A 336 6.56 12.06 -13.00
CA ILE A 336 7.87 11.42 -12.83
C ILE A 336 8.60 11.59 -14.16
N ILE A 337 9.38 12.64 -14.28
CA ILE A 337 10.10 12.92 -15.53
C ILE A 337 11.35 12.06 -15.58
N THR A 338 11.83 11.80 -16.79
CA THR A 338 13.02 11.00 -17.02
C THR A 338 13.99 11.78 -17.88
N LEU A 339 15.25 11.83 -17.47
CA LEU A 339 16.29 12.58 -18.17
C LEU A 339 17.47 11.67 -18.42
N GLY A 340 18.54 12.24 -18.96
CA GLY A 340 19.78 11.52 -19.12
C GLY A 340 19.85 10.68 -20.39
N LYS A 341 20.83 9.77 -20.39
CA LYS A 341 21.04 8.90 -21.53
C LYS A 341 19.88 7.93 -21.70
N GLY A 342 19.49 7.69 -22.95
CA GLY A 342 18.43 6.77 -23.26
C GLY A 342 17.03 7.33 -23.14
N ALA A 343 16.90 8.58 -22.69
CA ALA A 343 15.60 9.22 -22.56
C ALA A 343 15.77 10.73 -22.50
N PRO A 344 15.97 11.39 -23.65
CA PRO A 344 16.18 12.84 -23.63
C PRO A 344 14.96 13.56 -23.06
N TYR A 345 15.22 14.62 -22.31
CA TYR A 345 14.16 15.36 -21.66
C TYR A 345 13.54 16.36 -22.62
N SER A 346 12.20 16.38 -22.66
CA SER A 346 11.46 17.39 -23.40
C SER A 346 10.08 17.51 -22.74
N TYR A 347 9.56 18.74 -22.72
CA TYR A 347 8.29 18.97 -22.04
C TYR A 347 7.13 18.24 -22.72
N GLU A 348 7.30 17.84 -23.98
CA GLU A 348 6.28 17.11 -24.71
C GLU A 348 6.58 15.62 -24.82
N SER A 349 7.53 15.12 -24.03
CA SER A 349 7.91 13.72 -24.11
C SER A 349 6.81 12.82 -23.54
N ALA A 350 6.85 11.55 -23.95
CA ALA A 350 5.92 10.55 -23.46
C ALA A 350 6.49 9.69 -22.36
N ASP A 351 7.73 9.94 -21.94
CA ASP A 351 8.35 9.20 -20.84
C ASP A 351 8.03 9.86 -19.50
N ARG A 352 6.73 9.96 -19.23
CA ARG A 352 6.23 10.60 -18.03
C ARG A 352 5.18 9.72 -17.37
N TYR A 353 5.07 9.83 -16.05
CA TYR A 353 4.04 9.14 -15.30
C TYR A 353 3.29 10.15 -14.45
N ASN A 354 1.97 10.19 -14.61
CA ASN A 354 1.10 11.08 -13.85
C ASN A 354 0.36 10.26 -12.81
N LYS A 355 0.38 10.73 -11.55
CA LYS A 355 -0.21 9.99 -10.46
C LYS A 355 -1.72 9.88 -10.65
N ASN A 356 -2.23 8.65 -10.77
CA ASN A 356 -3.64 8.44 -11.01
C ASN A 356 -4.44 8.49 -9.71
N HIS A 357 -4.14 7.60 -8.77
CA HIS A 357 -4.91 7.49 -7.54
C HIS A 357 -4.33 8.45 -6.52
N LEU A 358 -4.97 9.61 -6.37
CA LEU A 358 -4.52 10.63 -5.44
C LEU A 358 -4.85 10.21 -4.01
N VAL A 359 -4.10 10.77 -3.07
CA VAL A 359 -4.30 10.48 -1.65
C VAL A 359 -5.48 11.30 -1.14
N PRO A 360 -6.49 10.68 -0.53
CA PRO A 360 -7.63 11.45 -0.01
C PRO A 360 -7.20 12.45 1.04
N PHE A 361 -7.76 13.66 0.95
CA PHE A 361 -7.57 14.73 1.91
C PHE A 361 -6.12 15.22 1.98
N GLY A 362 -5.23 14.62 1.19
CA GLY A 362 -3.86 15.08 1.13
C GLY A 362 -3.54 15.74 -0.19
N GLU A 363 -4.10 15.19 -1.27
CA GLU A 363 -3.95 15.75 -2.60
C GLU A 363 -5.26 16.19 -3.23
N PHE A 364 -6.39 15.62 -2.82
CA PHE A 364 -7.69 16.01 -3.35
C PHE A 364 -8.75 15.72 -2.30
N VAL A 365 -9.82 16.52 -2.34
CA VAL A 365 -10.98 16.28 -1.47
C VAL A 365 -11.80 15.15 -2.09
N PRO A 366 -12.05 14.07 -1.36
CA PRO A 366 -12.78 12.93 -1.97
C PRO A 366 -14.14 13.31 -2.51
N LEU A 367 -14.86 14.21 -1.84
CA LEU A 367 -16.16 14.67 -2.32
C LEU A 367 -16.35 16.10 -1.82
N GLU A 368 -16.03 17.07 -2.67
CA GLU A 368 -16.19 18.47 -2.31
C GLU A 368 -17.56 18.96 -2.76
N SER A 369 -17.79 20.27 -2.69
CA SER A 369 -19.04 20.96 -2.99
C SER A 369 -20.16 20.59 -2.01
N ILE A 370 -19.89 19.69 -1.07
CA ILE A 370 -20.84 19.35 -0.02
C ILE A 370 -20.10 19.37 1.31
N LEU A 371 -18.78 19.42 1.24
CA LEU A 371 -17.92 19.45 2.42
C LEU A 371 -17.07 20.70 2.52
N ARG A 372 -16.44 21.12 1.42
CA ARG A 372 -15.58 22.30 1.47
C ARG A 372 -16.30 23.57 1.87
N PRO A 373 -17.46 23.94 1.27
CA PRO A 373 -18.12 25.18 1.72
C PRO A 373 -18.89 24.99 3.01
N LEU A 374 -19.30 23.75 3.29
CA LEU A 374 -20.09 23.48 4.49
C LEU A 374 -19.24 23.54 5.75
N ALA A 375 -18.03 22.97 5.70
CA ALA A 375 -17.15 22.87 6.87
C ALA A 375 -15.77 23.39 6.50
N PRO A 376 -15.57 24.71 6.52
CA PRO A 376 -14.25 25.27 6.25
C PRO A 376 -13.32 25.24 7.45
N PHE A 377 -13.80 24.85 8.63
CA PHE A 377 -12.95 24.81 9.81
C PHE A 377 -11.83 23.79 9.65
N PHE A 378 -12.15 22.61 9.12
CA PHE A 378 -11.13 21.61 8.84
C PHE A 378 -10.26 22.06 7.68
N ASP A 379 -8.94 21.94 7.84
CA ASP A 379 -8.02 22.39 6.80
C ASP A 379 -8.10 21.46 5.59
N LEU A 380 -8.23 22.07 4.40
CA LEU A 380 -8.29 21.34 3.16
C LEU A 380 -7.37 21.99 2.14
N PRO A 381 -6.82 21.21 1.21
CA PRO A 381 -5.93 21.80 0.19
C PRO A 381 -6.70 22.74 -0.73
N MET A 382 -6.17 23.96 -0.90
CA MET A 382 -6.83 24.93 -1.75
C MET A 382 -6.86 24.47 -3.20
N SER A 383 -5.76 23.91 -3.69
CA SER A 383 -5.67 23.39 -5.05
C SER A 383 -5.42 21.89 -5.00
N SER A 384 -6.18 21.14 -5.79
CA SER A 384 -6.09 19.69 -5.82
C SER A 384 -5.36 19.23 -7.07
N PHE A 385 -4.61 18.14 -6.93
CA PHE A 385 -3.91 17.56 -8.05
C PHE A 385 -4.90 16.95 -9.04
N SER A 386 -4.43 16.79 -10.28
CA SER A 386 -5.20 16.12 -11.31
C SER A 386 -4.81 14.64 -11.37
N ARG A 387 -5.61 13.87 -12.10
CA ARG A 387 -5.41 12.44 -12.24
C ARG A 387 -4.95 12.09 -13.64
N GLY A 388 -3.97 11.20 -13.74
CA GLY A 388 -3.50 10.73 -15.02
C GLY A 388 -4.25 9.51 -15.49
N PRO A 389 -3.87 8.98 -16.65
CA PRO A 389 -4.50 7.76 -17.15
C PRO A 389 -4.30 6.59 -16.21
N TYR A 390 -5.31 5.71 -16.15
CA TYR A 390 -5.24 4.54 -15.28
C TYR A 390 -4.12 3.60 -15.72
N ILE A 391 -3.99 3.36 -17.02
CA ILE A 391 -2.97 2.49 -17.57
C ILE A 391 -2.01 3.33 -18.40
N GLN A 392 -0.72 3.27 -18.07
CA GLN A 392 0.29 4.05 -18.76
C GLN A 392 1.47 3.16 -19.12
N PRO A 393 2.15 3.46 -20.23
CA PRO A 393 3.29 2.64 -20.62
C PRO A 393 4.44 2.81 -19.64
N PRO A 394 5.27 1.78 -19.46
CA PRO A 394 6.41 1.90 -18.55
C PRO A 394 7.38 2.97 -19.02
N LEU A 395 8.01 3.64 -18.05
CA LEU A 395 8.96 4.68 -18.35
C LEU A 395 10.23 4.10 -18.95
N SER A 396 10.74 4.75 -20.00
CA SER A 396 12.00 4.36 -20.62
C SER A 396 13.12 5.19 -20.04
N ALA A 397 14.18 4.53 -19.59
CA ALA A 397 15.30 5.22 -18.95
C ALA A 397 16.57 4.41 -19.25
N ASN A 398 17.38 4.92 -20.16
CA ASN A 398 18.65 4.28 -20.54
C ASN A 398 18.42 2.84 -21.00
N GLY A 399 17.39 2.63 -21.81
CA GLY A 399 17.07 1.30 -22.29
C GLY A 399 16.43 0.39 -21.29
N ILE A 400 15.82 0.94 -20.24
CA ILE A 400 15.20 0.16 -19.18
C ILE A 400 13.75 0.60 -19.03
N GLU A 401 12.85 -0.37 -18.92
CA GLU A 401 11.43 -0.11 -18.76
C GLU A 401 11.07 -0.25 -17.28
N LEU A 402 10.49 0.80 -16.71
CA LEU A 402 10.13 0.82 -15.30
C LEU A 402 8.66 1.14 -15.16
N THR A 403 7.95 0.36 -14.34
CA THR A 403 6.54 0.60 -14.06
C THR A 403 6.44 1.45 -12.79
N ALA A 404 6.15 2.74 -12.97
CA ALA A 404 6.13 3.67 -11.86
C ALA A 404 4.86 3.52 -11.04
N ALA A 405 4.98 3.88 -9.76
CA ALA A 405 3.84 3.90 -8.85
C ALA A 405 4.16 4.88 -7.74
N ILE A 406 3.50 6.03 -7.74
CA ILE A 406 3.88 7.15 -6.87
C ILE A 406 3.27 6.92 -5.50
N SER A 407 4.09 6.45 -4.55
CA SER A 407 3.73 6.41 -3.13
C SER A 407 2.47 5.61 -2.85
N TYR A 408 1.34 6.30 -2.71
CA TYR A 408 0.10 5.63 -2.31
C TYR A 408 -0.34 4.61 -3.33
N GLU A 409 0.02 4.79 -4.60
CA GLU A 409 -0.37 3.86 -5.64
C GLU A 409 0.27 2.49 -5.50
N ILE A 410 1.28 2.34 -4.64
CA ILE A 410 1.92 1.04 -4.49
C ILE A 410 1.11 0.11 -3.59
N ILE A 411 0.25 0.64 -2.72
CA ILE A 411 -0.59 -0.23 -1.90
C ILE A 411 -1.75 -0.82 -2.68
N LEU A 412 -2.00 -0.33 -3.88
CA LEU A 412 -3.07 -0.84 -4.74
C LEU A 412 -2.49 -1.94 -5.61
N GLY A 413 -2.84 -3.18 -5.30
CA GLY A 413 -2.32 -4.29 -6.08
C GLY A 413 -2.92 -4.46 -7.45
N GLU A 414 -3.99 -3.74 -7.75
CA GLU A 414 -4.66 -3.85 -9.04
C GLU A 414 -4.09 -2.88 -10.07
N GLN A 415 -3.91 -1.61 -9.67
CA GLN A 415 -3.39 -0.61 -10.60
C GLN A 415 -1.96 -0.95 -11.01
N VAL A 416 -1.15 -1.43 -10.07
CA VAL A 416 0.23 -1.80 -10.39
C VAL A 416 0.26 -2.95 -11.37
N ARG A 417 -0.60 -3.96 -11.17
CA ARG A 417 -0.65 -5.10 -12.09
C ARG A 417 -1.12 -4.67 -13.48
N ASP A 418 -2.13 -3.78 -13.53
CA ASP A 418 -2.65 -3.34 -14.82
C ASP A 418 -1.60 -2.55 -15.60
N ASN A 419 -0.85 -1.69 -14.93
CA ASN A 419 0.22 -0.95 -15.59
C ASN A 419 1.43 -1.82 -15.87
N PHE A 420 1.54 -2.97 -15.21
CA PHE A 420 2.65 -3.88 -15.44
C PHE A 420 2.56 -4.51 -16.83
N ARG A 421 3.70 -4.69 -17.47
CA ARG A 421 3.80 -5.33 -18.77
C ARG A 421 4.89 -6.37 -18.74
N PRO A 422 4.84 -7.37 -19.63
CA PRO A 422 5.90 -8.38 -19.67
C PRO A 422 7.30 -7.79 -19.85
N ASP A 423 7.43 -6.69 -20.60
CA ASP A 423 8.72 -6.07 -20.86
C ASP A 423 9.14 -5.10 -19.76
N THR A 424 8.58 -5.22 -18.57
CA THR A 424 8.94 -4.37 -17.44
C THR A 424 10.14 -4.97 -16.71
N ASP A 425 11.18 -4.16 -16.52
CA ASP A 425 12.40 -4.62 -15.86
C ASP A 425 12.32 -4.43 -14.34
N TYR A 426 12.13 -3.20 -13.90
CA TYR A 426 12.04 -2.88 -12.48
C TYR A 426 10.69 -2.24 -12.18
N LEU A 427 10.40 -2.14 -10.89
CA LEU A 427 9.20 -1.47 -10.41
C LEU A 427 9.63 -0.24 -9.60
N LEU A 428 9.01 0.89 -9.88
CA LEU A 428 9.39 2.16 -9.30
C LEU A 428 8.34 2.61 -8.29
N THR A 429 8.81 3.07 -7.13
CA THR A 429 7.95 3.44 -6.01
C THR A 429 8.37 4.80 -5.44
N ILE A 430 8.50 5.78 -6.32
CA ILE A 430 8.78 7.16 -5.93
C ILE A 430 7.78 7.59 -4.86
N SER A 431 8.28 7.99 -3.69
CA SER A 431 7.42 8.30 -2.57
C SER A 431 8.10 9.32 -1.66
N ASN A 432 7.30 9.93 -0.78
CA ASN A 432 7.83 10.86 0.22
C ASN A 432 6.95 10.73 1.47
N ASP A 433 7.35 9.84 2.37
CA ASP A 433 6.67 9.68 3.65
C ASP A 433 7.46 10.38 4.76
N ALA A 434 7.59 11.70 4.62
CA ALA A 434 8.26 12.52 5.62
C ALA A 434 7.29 13.29 6.50
N TRP A 435 5.99 13.25 6.20
CA TRP A 435 5.01 13.94 7.02
C TRP A 435 4.81 13.25 8.36
N PHE A 436 4.89 11.92 8.38
CA PHE A 436 4.55 11.13 9.55
C PHE A 436 5.69 10.96 10.53
N GLY A 437 6.87 11.48 10.22
CA GLY A 437 7.97 11.47 11.18
C GLY A 437 8.43 10.08 11.53
N LYS A 438 8.70 9.88 12.82
CA LYS A 438 9.27 8.64 13.33
C LYS A 438 8.22 7.60 13.70
N SER A 439 7.03 7.69 13.10
CA SER A 439 5.94 6.80 13.45
C SER A 439 6.08 5.48 12.69
N ILE A 440 5.04 4.63 12.77
CA ILE A 440 5.07 3.33 12.11
C ILE A 440 4.46 3.38 10.71
N GLY A 441 3.94 4.52 10.28
CA GLY A 441 3.33 4.66 8.98
C GLY A 441 4.27 4.39 7.82
N PRO A 442 5.46 5.00 7.84
CA PRO A 442 6.45 4.68 6.79
C PRO A 442 6.80 3.21 6.71
N TRP A 443 6.83 2.50 7.84
CA TRP A 443 7.15 1.08 7.80
C TRP A 443 6.00 0.26 7.22
N GLN A 444 4.77 0.54 7.63
CA GLN A 444 3.62 -0.17 7.08
C GLN A 444 3.50 0.07 5.58
N HIS A 445 3.72 1.32 5.15
CA HIS A 445 3.74 1.61 3.72
C HIS A 445 4.87 0.88 3.02
N PHE A 446 6.03 0.78 3.68
CA PHE A 446 7.16 0.08 3.09
C PHE A 446 6.86 -1.40 2.90
N GLN A 447 6.17 -2.01 3.87
CA GLN A 447 5.82 -3.42 3.75
C GLN A 447 4.87 -3.66 2.59
N MET A 448 3.88 -2.79 2.42
CA MET A 448 2.96 -2.91 1.28
C MET A 448 3.69 -2.69 -0.03
N ALA A 449 4.63 -1.74 -0.07
CA ALA A 449 5.45 -1.56 -1.25
C ALA A 449 6.31 -2.80 -1.50
N ARG A 450 6.83 -3.41 -0.42
CA ARG A 450 7.58 -4.65 -0.55
C ARG A 450 6.70 -5.79 -1.05
N MET A 451 5.39 -5.70 -0.86
CA MET A 451 4.50 -6.75 -1.34
C MET A 451 4.41 -6.77 -2.86
N ARG A 452 4.44 -5.59 -3.50
CA ARG A 452 4.35 -5.54 -4.96
C ARG A 452 5.72 -5.79 -5.58
N ALA A 453 6.43 -6.79 -5.08
CA ALA A 453 7.63 -7.30 -5.73
C ALA A 453 7.71 -8.81 -5.75
N LEU A 454 6.89 -9.50 -4.96
CA LEU A 454 6.79 -10.95 -4.95
C LEU A 454 5.67 -11.45 -5.86
N GLU A 455 4.53 -10.74 -5.88
CA GLU A 455 3.43 -11.15 -6.74
C GLU A 455 3.72 -10.84 -8.21
N LEU A 456 4.57 -9.87 -8.49
CA LEU A 456 4.94 -9.52 -9.85
C LEU A 456 6.32 -10.03 -10.24
N ALA A 457 7.12 -10.50 -9.27
CA ALA A 457 8.43 -11.08 -9.52
C ALA A 457 9.35 -10.11 -10.27
N ARG A 458 9.30 -8.84 -9.87
CA ARG A 458 10.19 -7.83 -10.43
C ARG A 458 10.85 -7.07 -9.30
N PRO A 459 12.14 -6.73 -9.43
CA PRO A 459 12.80 -5.91 -8.41
C PRO A 459 12.11 -4.57 -8.28
N LEU A 460 12.00 -4.09 -7.05
CA LEU A 460 11.32 -2.84 -6.75
C LEU A 460 12.34 -1.82 -6.25
N LEU A 461 12.37 -0.66 -6.90
CA LEU A 461 13.28 0.42 -6.55
C LEU A 461 12.48 1.51 -5.86
N ARG A 462 12.54 1.53 -4.54
CA ARG A 462 11.78 2.49 -3.74
C ARG A 462 12.72 3.58 -3.24
N SER A 463 12.43 4.83 -3.64
CA SER A 463 13.20 5.98 -3.21
C SER A 463 12.27 6.93 -2.46
N THR A 464 12.70 7.37 -1.29
CA THR A 464 11.87 8.18 -0.42
C THR A 464 12.70 9.29 0.21
N ASN A 465 12.02 10.35 0.63
CA ASN A 465 12.60 11.43 1.40
C ASN A 465 12.26 11.24 2.87
N ASN A 466 13.29 11.08 3.71
CA ASN A 466 13.11 10.75 5.12
C ASN A 466 12.27 9.49 5.29
N GLY A 467 12.47 8.53 4.39
CA GLY A 467 11.72 7.29 4.42
C GLY A 467 12.60 6.08 4.21
N ILE A 468 12.00 4.91 4.04
CA ILE A 468 12.74 3.67 3.87
C ILE A 468 13.08 3.57 2.38
N THR A 469 14.24 4.09 2.02
CA THR A 469 14.77 3.96 0.66
C THR A 469 15.48 2.63 0.56
N ALA A 470 14.91 1.70 -0.21
CA ALA A 470 15.44 0.36 -0.25
C ALA A 470 15.20 -0.25 -1.63
N VAL A 471 15.99 -1.27 -1.95
CA VAL A 471 15.81 -2.07 -3.14
C VAL A 471 15.23 -3.42 -2.72
N ILE A 472 14.08 -3.76 -3.27
CA ILE A 472 13.37 -5.00 -2.94
C ILE A 472 13.59 -5.99 -4.07
N GLY A 473 13.95 -7.22 -3.72
CA GLY A 473 14.17 -8.24 -4.71
C GLY A 473 12.88 -8.75 -5.30
N PRO A 474 12.99 -9.68 -6.24
CA PRO A 474 11.81 -10.23 -6.90
C PRO A 474 10.98 -11.17 -6.05
N GLN A 475 11.28 -11.29 -4.75
CA GLN A 475 10.52 -12.15 -3.85
C GLN A 475 10.16 -11.41 -2.57
N GLY A 476 10.04 -10.08 -2.64
CA GLY A 476 9.74 -9.30 -1.46
C GLY A 476 10.84 -9.35 -0.42
N GLU A 477 12.09 -9.41 -0.85
CA GLU A 477 13.24 -9.49 0.04
C GLU A 477 14.06 -8.20 -0.05
N ILE A 478 14.46 -7.68 1.10
CA ILE A 478 15.21 -6.44 1.16
C ILE A 478 16.65 -6.75 0.75
N GLN A 479 17.05 -6.26 -0.43
CA GLN A 479 18.43 -6.45 -0.87
C GLN A 479 19.36 -5.41 -0.28
N ALA A 480 19.04 -4.13 -0.46
CA ALA A 480 19.82 -3.05 0.10
C ALA A 480 18.89 -2.03 0.74
N MET A 481 19.38 -1.35 1.77
CA MET A 481 18.59 -0.38 2.49
C MET A 481 19.53 0.58 3.18
N ILE A 482 19.01 1.76 3.52
CA ILE A 482 19.79 2.78 4.21
C ILE A 482 19.02 3.25 5.44
N PRO A 483 19.70 3.76 6.47
CA PRO A 483 18.97 4.22 7.66
C PRO A 483 18.00 5.35 7.32
N GLN A 484 16.92 5.40 8.07
CA GLN A 484 15.89 6.40 7.89
C GLN A 484 16.32 7.73 8.53
N PHE A 485 15.72 8.82 8.04
CA PHE A 485 15.90 10.16 8.59
C PHE A 485 17.34 10.66 8.45
N THR A 486 18.08 10.14 7.49
CA THR A 486 19.43 10.59 7.22
C THR A 486 19.62 10.80 5.72
N ARG A 487 20.54 11.70 5.39
CA ARG A 487 20.82 12.05 4.00
C ARG A 487 21.91 11.12 3.48
N GLU A 488 21.54 10.24 2.56
CA GLU A 488 22.48 9.23 2.07
C GLU A 488 22.02 8.78 0.68
N VAL A 489 22.96 8.18 -0.05
CA VAL A 489 22.70 7.61 -1.37
C VAL A 489 22.82 6.10 -1.27
N LEU A 490 21.84 5.39 -1.81
CA LEU A 490 21.83 3.93 -1.79
C LEU A 490 22.35 3.43 -3.14
N THR A 491 23.65 3.18 -3.20
CA THR A 491 24.30 2.69 -4.41
C THR A 491 24.44 1.18 -4.33
N THR A 492 23.77 0.47 -5.25
CA THR A 492 23.80 -0.98 -5.26
C THR A 492 23.50 -1.46 -6.67
N ASN A 493 23.83 -2.73 -6.90
CA ASN A 493 23.59 -3.38 -8.19
C ASN A 493 22.27 -4.15 -8.12
N VAL A 494 21.41 -3.93 -9.12
CA VAL A 494 20.11 -4.58 -9.19
C VAL A 494 20.02 -5.33 -10.51
N THR A 495 19.62 -6.60 -10.45
CA THR A 495 19.50 -7.44 -11.63
C THR A 495 18.05 -7.52 -12.05
N PRO A 496 17.70 -7.13 -13.27
CA PRO A 496 16.31 -7.25 -13.71
C PRO A 496 15.91 -8.71 -13.89
N THR A 497 14.60 -8.96 -13.77
CA THR A 497 14.06 -10.30 -13.90
C THR A 497 13.04 -10.36 -15.03
N THR A 498 12.90 -11.54 -15.61
CA THR A 498 11.96 -11.77 -16.70
C THR A 498 11.05 -12.94 -16.35
N GLY A 499 9.83 -12.89 -16.88
CA GLY A 499 8.85 -13.92 -16.60
C GLY A 499 7.59 -13.36 -15.99
N LEU A 500 6.47 -14.07 -16.16
CA LEU A 500 5.17 -13.62 -15.68
C LEU A 500 4.67 -14.57 -14.60
N THR A 501 4.27 -14.01 -13.46
CA THR A 501 3.62 -14.77 -12.42
C THR A 501 2.18 -15.08 -12.81
N PRO A 502 1.58 -16.11 -12.20
CA PRO A 502 0.14 -16.34 -12.44
C PRO A 502 -0.72 -15.15 -12.05
N TYR A 503 -0.32 -14.40 -11.03
CA TYR A 503 -1.06 -13.20 -10.68
C TYR A 503 -0.96 -12.15 -11.79
N ALA A 504 0.23 -11.99 -12.37
CA ALA A 504 0.39 -11.02 -13.45
C ALA A 504 -0.39 -11.44 -14.69
N ARG A 505 -0.37 -12.73 -15.02
CA ARG A 505 -1.03 -13.19 -16.25
C ARG A 505 -2.54 -13.12 -16.13
N THR A 506 -3.10 -13.49 -14.98
CA THR A 506 -4.54 -13.52 -14.80
C THR A 506 -5.06 -12.26 -14.11
N GLY A 507 -4.56 -11.97 -12.92
CA GLY A 507 -5.02 -10.81 -12.18
C GLY A 507 -5.76 -11.19 -10.92
N ASN A 508 -6.70 -10.35 -10.49
CA ASN A 508 -7.48 -10.58 -9.30
C ASN A 508 -8.79 -11.31 -9.58
N TRP A 509 -9.10 -11.59 -10.84
CA TRP A 509 -10.37 -12.23 -11.18
C TRP A 509 -10.43 -13.71 -10.78
N PRO A 510 -9.32 -14.47 -10.74
CA PRO A 510 -9.45 -15.85 -10.22
C PRO A 510 -9.95 -15.90 -8.79
N LEU A 511 -9.56 -14.93 -7.96
CA LEU A 511 -10.05 -14.92 -6.58
C LEU A 511 -11.52 -14.56 -6.53
N TRP A 512 -11.95 -13.59 -7.34
CA TRP A 512 -13.35 -13.20 -7.35
C TRP A 512 -14.24 -14.34 -7.86
N VAL A 513 -13.72 -15.20 -8.73
CA VAL A 513 -14.44 -16.40 -9.11
C VAL A 513 -14.61 -17.31 -7.89
N LEU A 514 -13.54 -17.51 -7.13
CA LEU A 514 -13.64 -18.29 -5.90
C LEU A 514 -14.56 -17.62 -4.89
N THR A 515 -14.47 -16.30 -4.76
CA THR A 515 -15.36 -15.59 -3.87
C THR A 515 -16.81 -15.72 -4.31
N ALA A 516 -17.07 -15.62 -5.62
CA ALA A 516 -18.42 -15.77 -6.12
C ALA A 516 -18.94 -17.20 -5.90
N LEU A 517 -18.09 -18.20 -6.13
CA LEU A 517 -18.52 -19.57 -5.92
C LEU A 517 -18.81 -19.84 -4.45
N PHE A 518 -17.95 -19.35 -3.55
CA PHE A 518 -18.23 -19.50 -2.12
C PHE A 518 -19.43 -18.68 -1.70
N GLY A 519 -19.56 -17.48 -2.26
CA GLY A 519 -20.74 -16.68 -1.97
C GLY A 519 -22.02 -17.32 -2.46
N PHE A 520 -21.99 -17.88 -3.67
CA PHE A 520 -23.17 -18.59 -4.17
C PHE A 520 -23.47 -19.83 -3.35
N ALA A 521 -22.43 -20.56 -2.94
CA ALA A 521 -22.65 -21.76 -2.13
C ALA A 521 -23.14 -21.41 -0.74
N ALA A 522 -22.54 -20.38 -0.11
CA ALA A 522 -22.90 -20.05 1.26
C ALA A 522 -24.31 -19.45 1.33
N VAL A 523 -24.64 -18.52 0.44
CA VAL A 523 -25.95 -17.88 0.49
C VAL A 523 -27.05 -18.88 0.18
N LEU A 524 -26.79 -19.83 -0.72
CA LEU A 524 -27.77 -20.87 -1.00
C LEU A 524 -28.02 -21.72 0.24
N MET A 525 -26.98 -22.01 1.01
CA MET A 525 -27.17 -22.79 2.23
C MET A 525 -27.93 -22.02 3.29
N SER A 526 -27.86 -20.68 3.27
CA SER A 526 -28.62 -19.86 4.19
C SER A 526 -30.05 -19.62 3.73
N LEU A 527 -30.43 -20.11 2.56
CA LEU A 527 -31.78 -19.99 2.06
C LEU A 527 -32.40 -21.35 1.80
N ARG A 528 -32.24 -22.27 2.76
CA ARG A 528 -32.79 -23.62 2.63
C ARG A 528 -34.30 -23.60 2.46
#